data_8A7P
#
_entry.id   8A7P
#
_cell.length_a   1.00
_cell.length_b   1.00
_cell.length_c   1.00
_cell.angle_alpha   90.00
_cell.angle_beta   90.00
_cell.angle_gamma   90.00
#
_symmetry.space_group_name_H-M   'P 1'
#
_entity_poly.entity_id   1
_entity_poly.type   'polypeptide(L)'
_entity_poly.pdbx_seq_one_letter_code
;MIQVYSRHPAENGKSNFLNCYVSGFHPSDIEVDLLKNGERIEKVEHSDLSFSKDWSFYLLYYTEFTPTEKDEYACRVNHV
TLSQPKIVKWDRDM
;
_entity_poly.pdbx_strand_id   A,B,C,D,E,F
#
# COMPACT_ATOMS: atom_id res chain seq x y z
N MET A 1 -11.54 4.99 -4.99
CA MET A 1 -12.82 5.56 -5.36
C MET A 1 -13.88 5.24 -4.30
N ILE A 2 -14.38 6.29 -3.65
CA ILE A 2 -15.40 6.17 -2.62
C ILE A 2 -16.61 6.99 -3.05
N GLN A 3 -17.77 6.36 -3.09
CA GLN A 3 -19.02 7.01 -3.44
C GLN A 3 -20.04 6.79 -2.32
N VAL A 4 -20.61 7.88 -1.83
CA VAL A 4 -21.56 7.86 -0.71
C VAL A 4 -22.86 8.51 -1.17
N TYR A 5 -23.98 7.82 -0.93
CA TYR A 5 -25.31 8.32 -1.30
C TYR A 5 -26.17 8.29 -0.04
N SER A 6 -26.32 9.45 0.59
CA SER A 6 -27.08 9.58 1.83
C SER A 6 -28.33 10.42 1.58
N ARG A 7 -29.49 9.88 1.93
CA ARG A 7 -30.77 10.55 1.74
C ARG A 7 -31.57 10.53 3.03
N HIS A 8 -32.11 11.70 3.40
CA HIS A 8 -33.01 11.82 4.55
C HIS A 8 -34.22 12.64 4.10
N PRO A 9 -35.16 12.02 3.37
CA PRO A 9 -36.24 12.80 2.76
C PRO A 9 -37.12 13.59 3.72
N ALA A 10 -37.54 13.01 4.85
CA ALA A 10 -38.59 13.68 5.60
C ALA A 10 -38.46 13.41 7.09
N GLU A 11 -38.72 14.45 7.88
CA GLU A 11 -38.80 14.37 9.33
C GLU A 11 -39.96 15.25 9.79
N ASN A 12 -40.79 14.72 10.68
CA ASN A 12 -41.96 15.45 11.18
C ASN A 12 -42.00 15.34 12.70
N GLY A 13 -41.85 16.46 13.38
CA GLY A 13 -41.86 16.49 14.83
C GLY A 13 -40.81 15.58 15.44
N LYS A 14 -39.53 15.93 15.25
CA LYS A 14 -38.46 15.00 15.58
C LYS A 14 -38.41 14.69 17.07
N SER A 15 -38.23 15.70 17.91
CA SER A 15 -38.00 15.41 19.31
C SER A 15 -38.37 16.60 20.20
N ASN A 16 -38.58 16.30 21.47
CA ASN A 16 -38.68 17.28 22.55
C ASN A 16 -39.78 18.31 22.29
N PHE A 17 -41.01 17.82 22.25
CA PHE A 17 -42.15 18.73 22.10
C PHE A 17 -43.32 18.26 22.95
N LEU A 18 -44.18 19.21 23.30
CA LEU A 18 -45.38 18.95 24.09
C LEU A 18 -45.04 18.32 25.44
N ASN A 19 -44.01 18.84 26.08
CA ASN A 19 -43.49 18.29 27.32
C ASN A 19 -43.79 19.23 28.47
N CYS A 20 -44.32 18.69 29.57
CA CYS A 20 -44.62 19.51 30.74
C CYS A 20 -43.34 19.99 31.44
N TYR A 21 -42.33 19.12 31.53
CA TYR A 21 -41.12 19.46 32.26
C TYR A 21 -39.95 18.65 31.70
N VAL A 22 -38.88 19.35 31.32
CA VAL A 22 -37.65 18.72 30.85
C VAL A 22 -36.48 19.37 31.57
N SER A 23 -35.58 18.55 32.10
CA SER A 23 -34.41 19.04 32.81
C SER A 23 -33.30 18.01 32.70
N GLY A 24 -32.14 18.35 33.23
CA GLY A 24 -31.00 17.45 33.21
C GLY A 24 -30.13 17.65 31.98
N PHE A 25 -29.30 16.65 31.73
CA PHE A 25 -28.36 16.67 30.61
C PHE A 25 -28.99 15.97 29.41
N HIS A 26 -29.37 16.76 28.40
CA HIS A 26 -29.94 16.21 27.16
C HIS A 26 -29.46 17.00 25.95
N PRO A 27 -28.19 16.86 25.59
CA PRO A 27 -27.73 17.40 24.30
C PRO A 27 -28.19 16.50 23.16
N SER A 28 -28.48 17.13 22.03
CA SER A 28 -29.05 16.40 20.90
C SER A 28 -28.44 16.88 19.59
N ASP A 29 -28.45 15.99 18.60
CA ASP A 29 -28.03 16.30 17.23
C ASP A 29 -26.61 16.84 17.18
N ILE A 30 -25.70 16.16 17.87
CA ILE A 30 -24.30 16.55 17.96
C ILE A 30 -23.46 15.51 17.21
N GLU A 31 -22.69 15.98 16.23
CA GLU A 31 -21.85 15.12 15.41
C GLU A 31 -20.40 15.58 15.53
N VAL A 32 -19.53 14.66 15.96
CA VAL A 32 -18.10 14.90 16.06
C VAL A 32 -17.39 13.82 15.27
N ASP A 33 -16.62 14.23 14.27
CA ASP A 33 -15.99 13.25 13.39
C ASP A 33 -14.64 13.78 12.93
N LEU A 34 -13.73 12.84 12.64
CA LEU A 34 -12.40 13.15 12.14
C LEU A 34 -12.12 12.27 10.93
N LEU A 35 -11.79 12.89 9.81
CA LEU A 35 -11.49 12.18 8.56
C LEU A 35 -12.63 11.24 8.17
N LYS A 36 -13.82 11.83 8.04
CA LYS A 36 -15.01 11.03 7.74
C LYS A 36 -14.84 10.27 6.43
N ASN A 37 -14.35 10.93 5.39
CA ASN A 37 -14.03 10.30 4.12
C ASN A 37 -12.55 10.51 3.84
N GLY A 38 -11.78 9.45 3.91
CA GLY A 38 -10.33 9.53 3.73
C GLY A 38 -9.82 8.52 2.74
N GLU A 39 -8.89 8.95 1.89
CA GLU A 39 -8.32 8.10 0.86
C GLU A 39 -6.82 8.35 0.79
N ARG A 40 -6.05 7.26 0.79
CA ARG A 40 -4.60 7.30 0.63
C ARG A 40 -3.94 8.21 1.67
N ILE A 41 -4.12 7.81 2.93
CA ILE A 41 -3.58 8.52 4.08
C ILE A 41 -2.51 7.64 4.70
N GLU A 42 -1.29 8.17 4.82
CA GLU A 42 -0.19 7.35 5.31
C GLU A 42 -0.35 7.04 6.80
N LYS A 43 -0.57 8.07 7.63
CA LYS A 43 -0.68 7.79 9.05
C LYS A 43 -1.49 8.87 9.74
N VAL A 44 -2.02 8.51 10.91
CA VAL A 44 -2.79 9.39 11.77
C VAL A 44 -2.63 8.89 13.19
N GLU A 45 -2.14 9.76 14.07
CA GLU A 45 -1.76 9.36 15.41
C GLU A 45 -2.33 10.32 16.43
N HIS A 46 -2.43 9.83 17.67
CA HIS A 46 -2.80 10.63 18.83
C HIS A 46 -4.14 11.34 18.63
N SER A 47 -5.17 10.56 18.32
CA SER A 47 -6.51 11.08 18.15
C SER A 47 -7.32 10.85 19.43
N ASP A 48 -7.95 11.92 19.93
CA ASP A 48 -8.77 11.86 21.12
C ASP A 48 -10.14 12.42 20.79
N LEU A 49 -11.17 11.57 20.86
CA LEU A 49 -12.54 11.97 20.57
C LEU A 49 -13.47 11.63 21.72
N SER A 50 -12.98 11.70 22.95
CA SER A 50 -13.79 11.37 24.12
C SER A 50 -14.90 12.40 24.30
N PHE A 51 -16.14 11.92 24.34
CA PHE A 51 -17.28 12.83 24.49
C PHE A 51 -17.34 13.41 25.89
N SER A 52 -17.20 12.57 26.91
CA SER A 52 -17.20 13.02 28.30
C SER A 52 -16.46 11.98 29.13
N LYS A 53 -16.30 12.27 30.42
CA LYS A 53 -15.65 11.34 31.34
C LYS A 53 -16.60 10.81 32.40
N ASP A 54 -17.17 11.67 33.25
CA ASP A 54 -17.92 11.21 34.42
C ASP A 54 -19.29 11.87 34.46
N TRP A 55 -20.31 11.08 34.78
CA TRP A 55 -21.68 11.56 34.92
C TRP A 55 -22.11 11.33 36.36
N SER A 56 -22.31 12.42 37.11
CA SER A 56 -22.73 12.33 38.50
C SER A 56 -23.82 13.38 38.74
N PHE A 57 -25.05 12.91 38.97
CA PHE A 57 -26.16 13.84 39.16
C PHE A 57 -26.06 14.54 40.51
N TYR A 58 -25.71 13.81 41.56
CA TYR A 58 -25.51 14.37 42.89
C TYR A 58 -24.07 14.07 43.33
N LEU A 59 -23.27 15.11 43.47
CA LEU A 59 -21.89 14.98 43.95
C LEU A 59 -21.68 15.98 45.07
N LEU A 60 -21.68 15.50 46.31
CA LEU A 60 -21.63 16.36 47.48
C LEU A 60 -20.45 15.95 48.37
N TYR A 61 -19.77 16.95 48.92
CA TYR A 61 -18.66 16.75 49.85
C TYR A 61 -18.92 17.54 51.12
N TYR A 62 -19.08 16.83 52.24
CA TYR A 62 -19.30 17.44 53.55
C TYR A 62 -20.47 18.43 53.49
N THR A 63 -21.57 17.98 52.91
CA THR A 63 -22.71 18.83 52.59
C THR A 63 -23.91 18.44 53.44
N GLU A 64 -24.76 19.44 53.73
CA GLU A 64 -26.04 19.21 54.37
C GLU A 64 -27.12 19.55 53.35
N PHE A 65 -27.76 18.53 52.79
CA PHE A 65 -28.70 18.68 51.68
C PHE A 65 -30.11 18.53 52.25
N THR A 66 -30.81 19.65 52.42
CA THR A 66 -32.15 19.67 53.01
C THR A 66 -33.08 20.56 52.19
N PRO A 67 -33.47 20.12 50.99
CA PRO A 67 -34.47 20.88 50.22
C PRO A 67 -35.89 20.46 50.51
N THR A 68 -36.77 21.42 50.74
CA THR A 68 -38.20 21.18 50.92
C THR A 68 -38.95 21.75 49.73
N GLU A 69 -39.76 20.92 49.06
CA GLU A 69 -40.47 21.36 47.88
C GLU A 69 -41.81 20.66 47.78
N LYS A 70 -42.82 21.38 47.30
CA LYS A 70 -44.15 20.83 47.02
C LYS A 70 -44.52 21.25 45.60
N ASP A 71 -44.20 20.41 44.62
CA ASP A 71 -44.39 20.74 43.22
C ASP A 71 -45.54 19.94 42.64
N GLU A 72 -46.47 20.63 41.97
CA GLU A 72 -47.63 20.01 41.35
C GLU A 72 -47.55 20.20 39.83
N TYR A 73 -47.68 19.10 39.10
CA TYR A 73 -47.58 19.09 37.64
C TYR A 73 -48.96 18.79 37.07
N ALA A 74 -49.56 19.77 36.41
CA ALA A 74 -50.94 19.66 35.94
C ALA A 74 -51.07 20.17 34.50
N CYS A 75 -50.15 19.75 33.63
CA CYS A 75 -50.24 20.13 32.22
C CYS A 75 -51.36 19.37 31.52
N ARG A 76 -51.96 20.01 30.53
CA ARG A 76 -53.09 19.44 29.79
C ARG A 76 -52.83 19.55 28.29
N VAL A 77 -53.03 18.45 27.59
CA VAL A 77 -52.86 18.39 26.14
C VAL A 77 -54.15 17.83 25.55
N ASN A 78 -54.70 18.52 24.55
CA ASN A 78 -55.94 18.11 23.92
C ASN A 78 -55.84 18.16 22.41
N HIS A 79 -56.33 17.11 21.76
CA HIS A 79 -56.58 17.09 20.32
C HIS A 79 -55.30 17.35 19.50
N VAL A 80 -54.21 16.69 19.87
CA VAL A 80 -52.99 16.75 19.08
C VAL A 80 -53.07 15.71 17.97
N THR A 81 -52.93 16.15 16.72
CA THR A 81 -53.01 15.28 15.57
C THR A 81 -51.73 15.41 14.75
N LEU A 82 -51.11 14.27 14.45
CA LEU A 82 -49.93 14.20 13.59
C LEU A 82 -50.28 13.39 12.37
N SER A 83 -50.12 13.99 11.19
CA SER A 83 -50.44 13.34 9.93
C SER A 83 -49.26 13.47 8.98
N GLN A 84 -48.85 12.35 8.40
CA GLN A 84 -47.82 12.32 7.36
C GLN A 84 -48.28 11.41 6.22
N PRO A 85 -49.26 11.85 5.43
CA PRO A 85 -49.67 11.05 4.28
C PRO A 85 -48.57 10.98 3.23
N LYS A 86 -48.33 9.78 2.72
CA LYS A 86 -47.34 9.54 1.69
C LYS A 86 -47.98 8.76 0.55
N ILE A 87 -47.88 9.31 -0.67
CA ILE A 87 -48.49 8.68 -1.82
C ILE A 87 -47.43 8.33 -2.85
N MET B 1 12.62 1.63 3.68
CA MET B 1 14.05 1.77 3.97
C MET B 1 14.87 0.79 3.13
N ILE B 2 15.68 1.33 2.23
CA ILE B 2 16.55 0.54 1.36
C ILE B 2 17.99 0.95 1.60
N GLN B 3 18.84 -0.02 1.91
CA GLN B 3 20.26 0.21 2.14
C GLN B 3 21.07 -0.69 1.23
N VAL B 4 21.98 -0.09 0.46
CA VAL B 4 22.79 -0.80 -0.52
C VAL B 4 24.26 -0.55 -0.21
N TYR B 5 25.05 -1.62 -0.15
CA TYR B 5 26.48 -1.55 0.14
C TYR B 5 27.23 -2.27 -0.99
N SER B 6 27.75 -1.50 -1.94
CA SER B 6 28.43 -2.04 -3.11
C SER B 6 29.91 -1.67 -3.05
N ARG B 7 30.78 -2.67 -3.14
CA ARG B 7 32.22 -2.48 -3.08
C ARG B 7 32.90 -3.16 -4.26
N HIS B 8 33.80 -2.45 -4.93
CA HIS B 8 34.63 -3.00 -6.00
C HIS B 8 36.07 -2.57 -5.76
N PRO B 9 36.76 -3.22 -4.82
CA PRO B 9 38.10 -2.73 -4.42
C PRO B 9 39.13 -2.63 -5.53
N ALA B 10 39.27 -3.65 -6.38
CA ALA B 10 40.45 -3.67 -7.24
C ALA B 10 40.15 -4.33 -8.58
N GLU B 11 40.73 -3.75 -9.64
CA GLU B 11 40.71 -4.31 -10.99
C GLU B 11 42.08 -4.09 -11.60
N ASN B 12 42.63 -5.13 -12.23
CA ASN B 12 43.95 -5.06 -12.86
C ASN B 12 43.86 -5.67 -14.24
N GLY B 13 44.09 -4.84 -15.27
CA GLY B 13 44.01 -5.29 -16.65
C GLY B 13 42.67 -5.89 -16.99
N LYS B 14 41.63 -5.05 -17.02
CA LYS B 14 40.28 -5.57 -17.11
C LYS B 14 40.04 -6.30 -18.42
N SER B 15 40.19 -5.61 -19.55
CA SER B 15 39.80 -6.24 -20.80
C SER B 15 40.52 -5.59 -21.98
N ASN B 16 40.55 -6.34 -23.08
CA ASN B 16 40.95 -5.86 -24.41
C ASN B 16 42.36 -5.25 -24.40
N PHE B 17 43.33 -6.10 -24.10
CA PHE B 17 44.73 -5.68 -24.18
C PHE B 17 45.59 -6.80 -24.74
N LEU B 18 46.72 -6.41 -25.32
CA LEU B 18 47.70 -7.33 -25.90
C LEU B 18 47.05 -8.20 -26.99
N ASN B 19 46.26 -7.56 -27.85
CA ASN B 19 45.51 -8.25 -28.89
C ASN B 19 46.07 -7.87 -30.26
N CYS B 20 46.30 -8.88 -31.10
CA CYS B 20 46.82 -8.63 -32.44
C CYS B 20 45.78 -7.96 -33.33
N TYR B 21 44.52 -8.39 -33.23
CA TYR B 21 43.48 -7.89 -34.12
C TYR B 21 42.12 -8.00 -33.44
N VAL B 22 41.41 -6.88 -33.34
CA VAL B 22 40.07 -6.84 -32.77
C VAL B 22 39.17 -6.06 -33.73
N SER B 23 38.00 -6.63 -34.03
CA SER B 23 37.05 -5.98 -34.92
C SER B 23 35.64 -6.47 -34.56
N GLY B 24 34.65 -5.90 -35.24
CA GLY B 24 33.28 -6.29 -35.01
C GLY B 24 32.58 -5.42 -33.98
N PHE B 25 31.44 -5.93 -33.51
CA PHE B 25 30.63 -5.22 -32.53
C PHE B 25 31.02 -5.68 -31.13
N HIS B 26 31.72 -4.82 -30.39
CA HIS B 26 32.13 -5.13 -29.02
C HIS B 26 32.02 -3.88 -28.14
N PRO B 27 30.80 -3.43 -27.85
CA PRO B 27 30.64 -2.40 -26.82
C PRO B 27 30.78 -3.00 -25.43
N SER B 28 31.36 -2.22 -24.51
CA SER B 28 31.67 -2.72 -23.19
C SER B 28 31.38 -1.67 -22.13
N ASP B 29 31.11 -2.15 -20.92
CA ASP B 29 30.92 -1.29 -19.75
C ASP B 29 29.80 -0.27 -19.96
N ILE B 30 28.67 -0.76 -20.46
CA ILE B 30 27.50 0.06 -20.75
C ILE B 30 26.40 -0.31 -19.77
N GLU B 31 25.89 0.69 -19.06
CA GLU B 31 24.84 0.49 -18.06
C GLU B 31 23.65 1.37 -18.42
N VAL B 32 22.49 0.75 -18.61
CA VAL B 32 21.24 1.45 -18.87
C VAL B 32 20.23 0.99 -17.82
N ASP B 33 19.70 1.93 -17.06
CA ASP B 33 18.81 1.58 -15.96
C ASP B 33 17.75 2.66 -15.78
N LEU B 34 16.59 2.25 -15.28
CA LEU B 34 15.48 3.15 -15.00
C LEU B 34 14.95 2.83 -13.60
N LEU B 35 14.90 3.84 -12.74
CA LEU B 35 14.44 3.71 -11.36
C LEU B 35 15.19 2.59 -10.64
N LYS B 36 16.53 2.72 -10.63
CA LYS B 36 17.37 1.69 -10.03
C LYS B 36 17.02 1.48 -8.56
N ASN B 37 16.86 2.58 -7.81
CA ASN B 37 16.41 2.53 -6.43
C ASN B 37 15.12 3.34 -6.32
N GLY B 38 14.01 2.65 -6.10
CA GLY B 38 12.71 3.31 -6.06
C GLY B 38 11.92 2.91 -4.84
N GLU B 39 11.28 3.91 -4.23
CA GLU B 39 10.48 3.69 -3.03
C GLU B 39 9.18 4.47 -3.15
N ARG B 40 8.07 3.80 -2.85
CA ARG B 40 6.74 4.41 -2.80
C ARG B 40 6.40 5.09 -4.12
N ILE B 41 6.34 4.27 -5.16
CA ILE B 41 6.06 4.71 -6.52
C ILE B 41 4.69 4.18 -6.91
N GLU B 42 3.76 5.09 -7.23
CA GLU B 42 2.40 4.66 -7.57
C GLU B 42 2.38 3.84 -8.85
N LYS B 43 2.88 4.40 -9.95
CA LYS B 43 2.81 3.65 -11.20
C LYS B 43 3.92 4.08 -12.14
N VAL B 44 4.20 3.19 -13.10
CA VAL B 44 5.20 3.41 -14.14
C VAL B 44 4.78 2.58 -15.35
N GLU B 45 4.59 3.23 -16.48
CA GLU B 45 4.02 2.58 -17.65
C GLU B 45 4.85 2.88 -18.88
N HIS B 46 4.70 2.00 -19.87
CA HIS B 46 5.27 2.19 -21.22
C HIS B 46 6.78 2.40 -21.17
N SER B 47 7.47 1.45 -20.54
CA SER B 47 8.93 1.48 -20.45
C SER B 47 9.53 0.61 -21.53
N ASP B 48 10.47 1.17 -22.30
CA ASP B 48 11.16 0.45 -23.35
C ASP B 48 12.66 0.58 -23.11
N LEU B 49 13.31 -0.56 -22.85
CA LEU B 49 14.76 -0.59 -22.61
C LEU B 49 15.44 -1.58 -23.55
N SER B 50 14.93 -1.73 -24.77
CA SER B 50 15.51 -2.67 -25.72
C SER B 50 16.90 -2.22 -26.14
N PHE B 51 17.89 -3.10 -25.93
CA PHE B 51 19.27 -2.75 -26.29
C PHE B 51 19.46 -2.70 -27.79
N SER B 52 18.96 -3.72 -28.51
CA SER B 52 19.07 -3.77 -29.96
C SER B 52 17.95 -4.66 -30.48
N LYS B 53 17.84 -4.74 -31.81
CA LYS B 53 16.84 -5.61 -32.44
C LYS B 53 17.48 -6.75 -33.23
N ASP B 54 18.28 -6.46 -34.25
CA ASP B 54 18.76 -7.49 -35.17
C ASP B 54 20.27 -7.40 -35.32
N TRP B 55 20.93 -8.55 -35.28
CA TRP B 55 22.38 -8.66 -35.45
C TRP B 55 22.63 -9.48 -36.71
N SER B 56 23.17 -8.83 -37.75
CA SER B 56 23.46 -9.49 -39.02
C SER B 56 24.83 -9.05 -39.49
N PHE B 57 25.80 -9.97 -39.47
CA PHE B 57 27.15 -9.62 -39.88
C PHE B 57 27.24 -9.38 -41.39
N TYR B 58 26.60 -10.23 -42.17
CA TYR B 58 26.55 -10.08 -43.63
C TYR B 58 25.08 -9.99 -44.05
N LEU B 59 24.67 -8.83 -44.56
CA LEU B 59 23.32 -8.62 -45.05
C LEU B 59 23.43 -8.02 -46.45
N LEU B 60 23.18 -8.84 -47.47
CA LEU B 60 23.37 -8.44 -48.86
C LEU B 60 22.10 -8.64 -49.65
N TYR B 61 21.79 -7.70 -50.53
CA TYR B 61 20.64 -7.77 -51.42
C TYR B 61 21.11 -7.56 -52.86
N TYR B 62 20.96 -8.59 -53.68
CA TYR B 62 21.33 -8.55 -55.10
C TYR B 62 22.77 -8.07 -55.27
N THR B 63 23.67 -8.68 -54.52
CA THR B 63 25.05 -8.24 -54.41
C THR B 63 25.99 -9.26 -55.02
N GLU B 64 27.11 -8.78 -55.55
CA GLU B 64 28.20 -9.64 -56.01
C GLU B 64 29.39 -9.40 -55.09
N PHE B 65 29.63 -10.36 -54.19
CA PHE B 65 30.62 -10.21 -53.12
C PHE B 65 31.85 -11.02 -53.50
N THR B 66 32.90 -10.33 -53.94
CA THR B 66 34.13 -10.97 -54.42
C THR B 66 35.35 -10.26 -53.84
N PRO B 67 35.62 -10.42 -52.54
CA PRO B 67 36.85 -9.86 -51.97
C PRO B 67 38.02 -10.84 -52.03
N THR B 68 39.17 -10.37 -52.50
CA THR B 68 40.40 -11.15 -52.52
C THR B 68 41.38 -10.54 -51.53
N GLU B 69 41.86 -11.34 -50.59
CA GLU B 69 42.75 -10.83 -49.55
C GLU B 69 43.75 -11.89 -49.14
N LYS B 70 44.97 -11.46 -48.83
CA LYS B 70 46.03 -12.33 -48.32
C LYS B 70 46.60 -11.63 -47.08
N ASP B 71 46.05 -11.98 -45.90
CA ASP B 71 46.41 -11.32 -44.65
C ASP B 71 47.22 -12.26 -43.78
N GLU B 72 48.36 -11.79 -43.30
CA GLU B 72 49.25 -12.56 -42.44
C GLU B 72 49.34 -11.89 -41.08
N TYR B 73 49.07 -12.65 -40.02
CA TYR B 73 49.07 -12.16 -38.65
C TYR B 73 50.26 -12.75 -37.93
N ALA B 74 51.23 -11.91 -37.57
CA ALA B 74 52.49 -12.36 -36.98
C ALA B 74 52.87 -11.50 -35.76
N CYS B 75 51.90 -11.27 -34.88
CA CYS B 75 52.19 -10.53 -33.67
C CYS B 75 52.99 -11.38 -32.69
N ARG B 76 53.86 -10.72 -31.92
CA ARG B 76 54.73 -11.39 -30.96
C ARG B 76 54.61 -10.73 -29.60
N VAL B 77 54.44 -11.53 -28.56
CA VAL B 77 54.35 -11.07 -27.18
C VAL B 77 55.37 -11.83 -26.36
N ASN B 78 56.18 -11.11 -25.59
CA ASN B 78 57.23 -11.72 -24.80
C ASN B 78 57.23 -11.15 -23.38
N HIS B 79 57.38 -12.05 -22.41
CA HIS B 79 57.67 -11.69 -21.01
C HIS B 79 56.61 -10.78 -20.42
N VAL B 80 55.34 -11.10 -20.63
CA VAL B 80 54.25 -10.38 -19.98
C VAL B 80 54.02 -10.97 -18.60
N THR B 81 54.12 -10.14 -17.57
CA THR B 81 53.94 -10.56 -16.20
C THR B 81 52.84 -9.72 -15.55
N LEU B 82 51.86 -10.41 -14.96
CA LEU B 82 50.78 -9.77 -14.21
C LEU B 82 50.87 -10.24 -12.77
N SER B 83 51.00 -9.30 -11.84
CA SER B 83 51.13 -9.60 -10.43
C SER B 83 50.14 -8.77 -9.64
N GLN B 84 49.38 -9.43 -8.76
CA GLN B 84 48.46 -8.75 -7.84
C GLN B 84 48.62 -9.34 -6.45
N PRO B 85 49.72 -9.05 -5.76
CA PRO B 85 49.88 -9.54 -4.38
C PRO B 85 48.87 -8.87 -3.46
N LYS B 86 48.26 -9.68 -2.61
CA LYS B 86 47.29 -9.20 -1.63
C LYS B 86 47.66 -9.75 -0.25
N ILE B 87 47.82 -8.86 0.72
CA ILE B 87 48.22 -9.26 2.06
C ILE B 87 47.16 -8.84 3.07
N MET C 1 -12.47 0.33 -4.03
CA MET C 1 -13.76 0.89 -4.39
C MET C 1 -14.81 0.59 -3.33
N ILE C 2 -15.30 1.63 -2.66
CA ILE C 2 -16.31 1.51 -1.62
C ILE C 2 -17.53 2.32 -2.05
N GLN C 3 -18.69 1.69 -2.07
CA GLN C 3 -19.95 2.34 -2.40
C GLN C 3 -20.94 2.12 -1.28
N VAL C 4 -21.51 3.21 -0.78
CA VAL C 4 -22.45 3.17 0.34
C VAL C 4 -23.76 3.82 -0.09
N TYR C 5 -24.87 3.14 0.15
CA TYR C 5 -26.21 3.62 -0.21
C TYR C 5 -27.06 3.59 1.06
N SER C 6 -27.21 4.75 1.69
CA SER C 6 -27.96 4.88 2.94
C SER C 6 -29.21 5.71 2.70
N ARG C 7 -30.36 5.17 3.07
CA ARG C 7 -31.65 5.83 2.88
C ARG C 7 -32.43 5.82 4.19
N HIS C 8 -32.97 6.98 4.56
CA HIS C 8 -33.87 7.10 5.71
C HIS C 8 -35.09 7.92 5.29
N PRO C 9 -36.02 7.30 4.56
CA PRO C 9 -37.12 8.07 3.95
C PRO C 9 -37.99 8.86 4.93
N ALA C 10 -38.39 8.29 6.05
CA ALA C 10 -39.45 8.94 6.82
C ALA C 10 -39.30 8.67 8.31
N GLU C 11 -39.55 9.70 9.10
CA GLU C 11 -39.62 9.63 10.56
C GLU C 11 -40.78 10.49 11.03
N ASN C 12 -41.60 9.97 11.93
CA ASN C 12 -42.76 10.69 12.45
C ASN C 12 -42.80 10.57 13.96
N GLY C 13 -42.64 11.69 14.65
CA GLY C 13 -42.64 11.72 16.10
C GLY C 13 -41.58 10.80 16.68
N LYS C 14 -40.30 11.16 16.49
CA LYS C 14 -39.22 10.23 16.80
C LYS C 14 -39.17 9.91 18.29
N SER C 15 -38.97 10.93 19.13
CA SER C 15 -38.74 10.62 20.54
C SER C 15 -39.10 11.81 21.42
N ASN C 16 -39.30 11.50 22.70
CA ASN C 16 -39.38 12.48 23.79
C ASN C 16 -40.48 13.52 23.54
N PHE C 17 -41.72 13.03 23.51
CA PHE C 17 -42.87 13.93 23.38
C PHE C 17 -44.02 13.45 24.23
N LEU C 18 -44.89 14.40 24.59
CA LEU C 18 -46.08 14.15 25.39
C LEU C 18 -45.73 13.50 26.74
N ASN C 19 -44.69 14.03 27.37
CA ASN C 19 -44.16 13.47 28.61
C ASN C 19 -44.45 14.42 29.77
N CYS C 20 -44.96 13.86 30.86
CA CYS C 20 -45.26 14.68 32.03
C CYS C 20 -43.97 15.15 32.72
N TYR C 21 -42.97 14.29 32.80
CA TYR C 21 -41.74 14.62 33.52
C TYR C 21 -40.59 13.83 32.95
N VAL C 22 -39.53 14.53 32.56
CA VAL C 22 -38.29 13.90 32.07
C VAL C 22 -37.11 14.54 32.80
N SER C 23 -36.22 13.72 33.31
CA SER C 23 -35.04 14.21 34.02
C SER C 23 -33.92 13.18 33.88
N GLY C 24 -32.76 13.53 34.42
CA GLY C 24 -31.63 12.62 34.37
C GLY C 24 -30.76 12.83 33.15
N PHE C 25 -29.93 11.83 32.87
CA PHE C 25 -28.99 11.86 31.76
C PHE C 25 -29.64 11.17 30.55
N HIS C 26 -30.03 11.96 29.55
CA HIS C 26 -30.61 11.41 28.31
C HIS C 26 -30.14 12.21 27.11
N PRO C 27 -28.87 12.06 26.74
CA PRO C 27 -28.42 12.61 25.45
C PRO C 27 -28.89 11.72 24.30
N SER C 28 -29.20 12.35 23.17
CA SER C 28 -29.78 11.62 22.05
C SER C 28 -29.18 12.12 20.73
N ASP C 29 -29.19 11.22 19.74
CA ASP C 29 -28.78 11.54 18.37
C ASP C 29 -27.36 12.08 18.32
N ILE C 30 -26.45 11.39 18.99
CA ILE C 30 -25.05 11.79 19.07
C ILE C 30 -24.22 10.76 18.30
N GLU C 31 -23.45 11.23 17.33
CA GLU C 31 -22.62 10.38 16.50
C GLU C 31 -21.17 10.82 16.60
N VAL C 32 -20.29 9.92 17.03
CA VAL C 32 -18.86 10.17 17.12
C VAL C 32 -18.16 9.09 16.31
N ASP C 33 -17.40 9.49 15.30
CA ASP C 33 -16.77 8.53 14.41
C ASP C 33 -15.42 9.05 13.94
N LEU C 34 -14.51 8.12 13.65
CA LEU C 34 -13.19 8.43 13.13
C LEU C 34 -12.93 7.55 11.93
N LEU C 35 -12.61 8.18 10.80
CA LEU C 35 -12.31 7.47 9.55
C LEU C 35 -13.46 6.54 9.17
N LYS C 36 -14.65 7.12 9.04
CA LYS C 36 -15.84 6.32 8.75
C LYS C 36 -15.68 5.56 7.44
N ASN C 37 -15.19 6.23 6.40
CA ASN C 37 -14.89 5.60 5.12
C ASN C 37 -13.41 5.82 4.83
N GLY C 38 -12.63 4.75 4.88
CA GLY C 38 -11.19 4.84 4.70
C GLY C 38 -10.69 3.83 3.70
N GLU C 39 -9.77 4.29 2.84
CA GLU C 39 -9.20 3.44 1.80
C GLU C 39 -7.70 3.68 1.72
N ARG C 40 -6.94 2.60 1.72
CA ARG C 40 -5.48 2.64 1.54
C ARG C 40 -4.81 3.54 2.57
N ILE C 41 -4.99 3.15 3.83
CA ILE C 41 -4.44 3.85 4.99
C ILE C 41 -3.35 2.97 5.59
N GLU C 42 -2.14 3.49 5.70
CA GLU C 42 -1.04 2.67 6.19
C GLU C 42 -1.17 2.36 7.67
N LYS C 43 -1.39 3.38 8.50
CA LYS C 43 -1.49 3.09 9.92
C LYS C 43 -2.30 4.18 10.62
N VAL C 44 -2.82 3.81 11.80
CA VAL C 44 -3.58 4.69 12.66
C VAL C 44 -3.41 4.19 14.09
N GLU C 45 -2.91 5.05 14.97
CA GLU C 45 -2.51 4.64 16.31
C GLU C 45 -3.10 5.60 17.33
N HIS C 46 -3.17 5.11 18.56
CA HIS C 46 -3.54 5.91 19.74
C HIS C 46 -4.87 6.62 19.55
N SER C 47 -5.91 5.83 19.24
CA SER C 47 -7.26 6.34 19.08
C SER C 47 -8.05 6.12 20.38
N ASP C 48 -8.66 7.18 20.87
CA ASP C 48 -9.49 7.12 22.08
C ASP C 48 -10.86 7.68 21.76
N LEU C 49 -11.89 6.83 21.84
CA LEU C 49 -13.27 7.22 21.56
C LEU C 49 -14.19 6.88 22.72
N SER C 50 -13.68 6.94 23.95
CA SER C 50 -14.48 6.61 25.12
C SER C 50 -15.58 7.63 25.32
N PHE C 51 -16.83 7.16 25.37
CA PHE C 51 -17.96 8.06 25.52
C PHE C 51 -18.02 8.64 26.93
N SER C 52 -17.86 7.79 27.94
CA SER C 52 -17.86 8.24 29.33
C SER C 52 -17.10 7.20 30.16
N LYS C 53 -16.93 7.48 31.45
CA LYS C 53 -16.27 6.54 32.36
C LYS C 53 -17.21 6.01 33.43
N ASP C 54 -17.78 6.87 34.28
CA ASP C 54 -18.52 6.40 35.45
C ASP C 54 -19.89 7.07 35.51
N TRP C 55 -20.91 6.27 35.82
CA TRP C 55 -22.28 6.75 35.99
C TRP C 55 -22.70 6.51 37.43
N SER C 56 -22.88 7.60 38.19
CA SER C 56 -23.29 7.52 39.59
C SER C 56 -24.39 8.55 39.83
N PHE C 57 -25.62 8.07 40.07
CA PHE C 57 -26.72 9.00 40.28
C PHE C 57 -26.61 9.71 41.63
N TYR C 58 -26.25 8.97 42.67
CA TYR C 58 -26.03 9.53 44.00
C TYR C 58 -24.60 9.22 44.43
N LEU C 59 -23.79 10.26 44.56
CA LEU C 59 -22.41 10.13 45.03
C LEU C 59 -22.20 11.14 46.15
N LEU C 60 -22.19 10.65 47.39
CA LEU C 60 -22.12 11.50 48.57
C LEU C 60 -20.94 11.10 49.44
N TYR C 61 -20.25 12.10 50.00
CA TYR C 61 -19.14 11.89 50.90
C TYR C 61 -19.39 12.67 52.18
N TYR C 62 -19.54 11.96 53.30
CA TYR C 62 -19.75 12.57 54.62
C TYR C 62 -20.92 13.56 54.58
N THR C 63 -22.03 13.10 53.99
CA THR C 63 -23.16 13.95 53.69
C THR C 63 -24.36 13.56 54.55
N GLU C 64 -25.20 14.55 54.84
CA GLU C 64 -26.48 14.32 55.50
C GLU C 64 -27.58 14.67 54.49
N PHE C 65 -28.21 13.65 53.93
CA PHE C 65 -29.16 13.80 52.84
C PHE C 65 -30.56 13.64 53.42
N THR C 66 -31.27 14.76 53.60
CA THR C 66 -32.60 14.77 54.20
C THR C 66 -33.54 15.67 53.39
N PRO C 67 -33.94 15.24 52.19
CA PRO C 67 -34.93 15.99 51.42
C PRO C 67 -36.37 15.56 51.72
N THR C 68 -37.25 16.54 51.97
CA THR C 68 -38.67 16.28 52.16
C THR C 68 -39.43 16.86 50.98
N GLU C 69 -40.24 16.03 50.33
CA GLU C 69 -40.96 16.48 49.14
C GLU C 69 -42.30 15.76 49.05
N LYS C 70 -43.31 16.49 48.58
CA LYS C 70 -44.65 15.94 48.32
C LYS C 70 -45.03 16.37 46.90
N ASP C 71 -44.73 15.53 45.92
CA ASP C 71 -44.92 15.86 44.52
C ASP C 71 -46.08 15.06 43.94
N GLU C 72 -47.01 15.75 43.28
CA GLU C 72 -48.18 15.13 42.67
C GLU C 72 -48.12 15.32 41.16
N TYR C 73 -48.24 14.23 40.42
CA TYR C 73 -48.16 14.23 38.96
C TYR C 73 -49.53 13.93 38.40
N ALA C 74 -50.16 14.91 37.75
CA ALA C 74 -51.53 14.80 37.28
C ALA C 74 -51.67 15.32 35.85
N CYS C 75 -50.77 14.90 34.97
CA CYS C 75 -50.87 15.28 33.57
C CYS C 75 -52.00 14.52 32.88
N ARG C 76 -52.61 15.17 31.89
CA ARG C 76 -53.74 14.61 31.16
C ARG C 76 -53.49 14.72 29.66
N VAL C 77 -53.70 13.61 28.94
CA VAL C 77 -53.55 13.56 27.50
C VAL C 77 -54.83 13.01 26.92
N ASN C 78 -55.38 13.69 25.92
CA ASN C 78 -56.65 13.29 25.31
C ASN C 78 -56.55 13.35 23.79
N HIS C 79 -57.06 12.29 23.15
CA HIS C 79 -57.30 12.27 21.70
C HIS C 79 -56.04 12.54 20.88
N VAL C 80 -54.94 11.88 21.24
CA VAL C 80 -53.72 11.94 20.44
C VAL C 80 -53.81 10.91 19.33
N THR C 81 -53.69 11.36 18.09
CA THR C 81 -53.77 10.49 16.92
C THR C 81 -52.50 10.62 16.09
N LEU C 82 -51.89 9.48 15.78
CA LEU C 82 -50.71 9.42 14.91
C LEU C 82 -51.06 8.61 13.68
N SER C 83 -50.92 9.21 12.52
CA SER C 83 -51.25 8.57 11.25
C SER C 83 -50.08 8.71 10.29
N GLN C 84 -49.67 7.58 9.70
CA GLN C 84 -48.65 7.56 8.65
C GLN C 84 -49.12 6.66 7.51
N PRO C 85 -50.10 7.10 6.73
CA PRO C 85 -50.53 6.31 5.58
C PRO C 85 -49.43 6.23 4.53
N LYS C 86 -49.21 5.03 4.02
CA LYS C 86 -48.22 4.80 2.97
C LYS C 86 -48.86 4.04 1.84
N ILE C 87 -48.77 4.58 0.63
CA ILE C 87 -49.39 3.96 -0.53
C ILE C 87 -48.34 3.61 -1.57
N MET D 1 11.59 -3.10 4.26
CA MET D 1 13.01 -2.97 4.54
C MET D 1 13.83 -3.94 3.69
N ILE D 2 14.65 -3.40 2.79
CA ILE D 2 15.50 -4.20 1.91
C ILE D 2 16.95 -3.78 2.15
N GLN D 3 17.80 -4.75 2.45
CA GLN D 3 19.22 -4.52 2.68
C GLN D 3 20.03 -5.41 1.76
N VAL D 4 20.93 -4.82 0.98
CA VAL D 4 21.74 -5.53 0.00
C VAL D 4 23.21 -5.27 0.31
N TYR D 5 23.99 -6.34 0.36
CA TYR D 5 25.43 -6.28 0.63
C TYR D 5 26.17 -7.00 -0.49
N SER D 6 26.68 -6.23 -1.45
CA SER D 6 27.37 -6.76 -2.62
C SER D 6 28.84 -6.40 -2.57
N ARG D 7 29.71 -7.40 -2.68
CA ARG D 7 31.15 -7.20 -2.62
C ARG D 7 31.82 -7.89 -3.80
N HIS D 8 32.72 -7.17 -4.47
CA HIS D 8 33.55 -7.72 -5.55
C HIS D 8 34.99 -7.29 -5.32
N PRO D 9 35.69 -7.94 -4.38
CA PRO D 9 37.02 -7.45 -3.99
C PRO D 9 38.05 -7.36 -5.10
N ALA D 10 38.19 -8.37 -5.96
CA ALA D 10 39.35 -8.40 -6.83
C ALA D 10 39.06 -9.05 -8.16
N GLU D 11 39.62 -8.47 -9.22
CA GLU D 11 39.59 -9.03 -10.57
C GLU D 11 40.96 -8.81 -11.20
N ASN D 12 41.50 -9.85 -11.83
CA ASN D 12 42.82 -9.78 -12.46
C ASN D 12 42.73 -10.39 -13.85
N GLY D 13 42.95 -9.56 -14.88
CA GLY D 13 42.88 -10.01 -16.25
C GLY D 13 41.52 -10.61 -16.58
N LYS D 14 40.48 -9.77 -16.61
CA LYS D 14 39.12 -10.29 -16.69
C LYS D 14 38.88 -11.02 -18.01
N SER D 15 39.02 -10.33 -19.13
CA SER D 15 38.63 -10.95 -20.38
C SER D 15 39.33 -10.31 -21.57
N ASN D 16 39.37 -11.06 -22.67
CA ASN D 16 39.76 -10.57 -24.00
C ASN D 16 41.16 -9.97 -24.00
N PHE D 17 42.14 -10.82 -23.70
CA PHE D 17 43.53 -10.39 -23.78
C PHE D 17 44.39 -11.52 -24.36
N LEU D 18 45.52 -11.12 -24.94
CA LEU D 18 46.49 -12.04 -25.53
C LEU D 18 45.84 -12.91 -26.62
N ASN D 19 45.05 -12.28 -27.46
CA ASN D 19 44.30 -12.97 -28.51
C ASN D 19 44.84 -12.58 -29.87
N CYS D 20 45.06 -13.59 -30.72
CA CYS D 20 45.58 -13.33 -32.07
C CYS D 20 44.53 -12.67 -32.95
N TYR D 21 43.28 -13.10 -32.84
CA TYR D 21 42.23 -12.60 -33.73
C TYR D 21 40.89 -12.71 -33.03
N VAL D 22 40.16 -11.59 -32.94
CA VAL D 22 38.83 -11.55 -32.36
C VAL D 22 37.92 -10.77 -33.31
N SER D 23 36.76 -11.33 -33.60
CA SER D 23 35.79 -10.69 -34.49
C SER D 23 34.40 -11.18 -34.12
N GLY D 24 33.39 -10.61 -34.79
CA GLY D 24 32.02 -11.00 -34.56
C GLY D 24 31.33 -10.13 -33.52
N PHE D 25 30.20 -10.64 -33.03
CA PHE D 25 29.38 -9.94 -32.06
C PHE D 25 29.79 -10.40 -30.66
N HIS D 26 30.49 -9.53 -29.92
CA HIS D 26 30.91 -9.83 -28.55
C HIS D 26 30.81 -8.59 -27.68
N PRO D 27 29.60 -8.15 -27.38
CA PRO D 27 29.43 -7.11 -26.35
C PRO D 27 29.59 -7.72 -24.96
N SER D 28 30.16 -6.93 -24.05
CA SER D 28 30.49 -7.44 -22.72
C SER D 28 30.20 -6.38 -21.66
N ASP D 29 29.94 -6.86 -20.45
CA ASP D 29 29.76 -6.00 -19.28
C ASP D 29 28.63 -4.99 -19.48
N ILE D 30 27.50 -5.48 -19.97
CA ILE D 30 26.33 -4.66 -20.26
C ILE D 30 25.23 -5.03 -19.28
N GLU D 31 24.73 -4.02 -18.55
CA GLU D 31 23.69 -4.22 -17.56
C GLU D 31 22.50 -3.34 -17.90
N VAL D 32 21.33 -3.96 -18.08
CA VAL D 32 20.08 -3.27 -18.34
C VAL D 32 19.08 -3.73 -17.29
N ASP D 33 18.54 -2.78 -16.52
CA ASP D 33 17.67 -3.13 -15.42
C ASP D 33 16.61 -2.05 -15.23
N LEU D 34 15.45 -2.48 -14.72
CA LEU D 34 14.33 -1.57 -14.43
C LEU D 34 13.82 -1.89 -13.03
N LEU D 35 13.78 -0.88 -12.18
CA LEU D 35 13.33 -1.02 -10.79
C LEU D 35 14.08 -2.13 -10.08
N LYS D 36 15.41 -2.00 -10.07
CA LYS D 36 16.26 -3.03 -9.48
C LYS D 36 15.93 -3.24 -8.01
N ASN D 37 15.76 -2.15 -7.25
CA ASN D 37 15.31 -2.20 -5.87
C ASN D 37 14.03 -1.39 -5.76
N GLY D 38 12.92 -2.07 -5.53
CA GLY D 38 11.62 -1.41 -5.49
C GLY D 38 10.84 -1.81 -4.26
N GLU D 39 10.20 -0.82 -3.64
CA GLU D 39 9.41 -1.04 -2.44
C GLU D 39 8.11 -0.26 -2.54
N ARG D 40 7.00 -0.92 -2.24
CA ARG D 40 5.67 -0.32 -2.18
C ARG D 40 5.32 0.37 -3.51
N ILE D 41 5.26 -0.45 -4.55
CA ILE D 41 4.96 -0.01 -5.91
C ILE D 41 3.59 -0.54 -6.29
N GLU D 42 2.67 0.36 -6.60
CA GLU D 42 1.30 -0.07 -6.92
C GLU D 42 1.28 -0.89 -8.22
N LYS D 43 1.77 -0.33 -9.32
CA LYS D 43 1.69 -1.07 -10.56
C LYS D 43 2.80 -0.64 -11.51
N VAL D 44 3.07 -1.52 -12.47
CA VAL D 44 4.07 -1.31 -13.51
C VAL D 44 3.64 -2.13 -14.72
N GLU D 45 3.45 -1.48 -15.86
CA GLU D 45 2.86 -2.13 -17.02
C GLU D 45 3.69 -1.84 -18.25
N HIS D 46 3.54 -2.71 -19.25
CA HIS D 46 4.10 -2.53 -20.59
C HIS D 46 5.61 -2.31 -20.55
N SER D 47 6.30 -3.27 -19.93
CA SER D 47 7.75 -3.23 -19.85
C SER D 47 8.35 -4.11 -20.93
N ASP D 48 9.28 -3.55 -21.71
CA ASP D 48 9.98 -4.26 -22.76
C ASP D 48 11.48 -4.14 -22.53
N LEU D 49 12.13 -5.27 -22.28
CA LEU D 49 13.57 -5.31 -22.05
C LEU D 49 14.25 -6.30 -22.99
N SER D 50 13.74 -6.45 -24.20
CA SER D 50 14.31 -7.39 -25.16
C SER D 50 15.71 -6.93 -25.58
N PHE D 51 16.69 -7.81 -25.39
CA PHE D 51 18.07 -7.46 -25.74
C PHE D 51 18.25 -7.42 -27.25
N SER D 52 17.75 -8.43 -27.96
CA SER D 52 17.84 -8.49 -29.42
C SER D 52 16.72 -9.37 -29.94
N LYS D 53 16.60 -9.45 -31.26
CA LYS D 53 15.60 -10.32 -31.89
C LYS D 53 16.23 -11.46 -32.68
N ASP D 54 17.03 -11.16 -33.70
CA ASP D 54 17.50 -12.20 -34.62
C ASP D 54 19.02 -12.11 -34.78
N TRP D 55 19.68 -13.27 -34.74
CA TRP D 55 21.12 -13.37 -34.93
C TRP D 55 21.37 -14.19 -36.20
N SER D 56 21.89 -13.54 -37.24
CA SER D 56 22.18 -14.20 -38.50
C SER D 56 23.56 -13.75 -38.98
N PHE D 57 24.52 -14.68 -38.98
CA PHE D 57 25.87 -14.33 -39.39
C PHE D 57 25.95 -14.08 -40.89
N TYR D 58 25.31 -14.94 -41.69
CA TYR D 58 25.23 -14.79 -43.14
C TYR D 58 23.77 -14.70 -43.54
N LEU D 59 23.37 -13.54 -44.05
CA LEU D 59 22.01 -13.33 -44.54
C LEU D 59 22.10 -12.73 -45.93
N LEU D 60 21.85 -13.54 -46.96
CA LEU D 60 22.04 -13.14 -48.34
C LEU D 60 20.75 -13.35 -49.13
N TYR D 61 20.44 -12.40 -50.01
CA TYR D 61 19.29 -12.46 -50.89
C TYR D 61 19.76 -12.26 -52.33
N TYR D 62 19.59 -13.30 -53.15
CA TYR D 62 19.96 -13.24 -54.57
C TYR D 62 21.40 -12.76 -54.75
N THR D 63 22.30 -13.38 -54.00
CA THR D 63 23.68 -12.94 -53.90
C THR D 63 24.62 -13.97 -54.52
N GLU D 64 25.74 -13.48 -55.06
CA GLU D 64 26.82 -14.34 -55.53
C GLU D 64 28.02 -14.11 -54.61
N PHE D 65 28.27 -15.06 -53.72
CA PHE D 65 29.25 -14.92 -52.65
C PHE D 65 30.49 -15.73 -53.04
N THR D 66 31.54 -15.03 -53.50
CA THR D 66 32.77 -15.68 -53.97
C THR D 66 33.99 -14.96 -53.39
N PRO D 67 34.26 -15.12 -52.10
CA PRO D 67 35.50 -14.56 -51.53
C PRO D 67 36.66 -15.54 -51.61
N THR D 68 37.81 -15.07 -52.09
CA THR D 68 39.05 -15.86 -52.11
C THR D 68 40.03 -15.24 -51.12
N GLU D 69 40.52 -16.04 -50.19
CA GLU D 69 41.41 -15.53 -49.15
C GLU D 69 42.41 -16.59 -48.75
N LYS D 70 43.64 -16.16 -48.45
CA LYS D 70 44.70 -17.02 -47.93
C LYS D 70 45.27 -16.34 -46.70
N ASP D 71 44.73 -16.67 -45.52
CA ASP D 71 45.10 -16.02 -44.27
C ASP D 71 45.92 -16.98 -43.41
N GLU D 72 47.06 -16.49 -42.94
CA GLU D 72 47.95 -17.26 -42.08
C GLU D 72 48.05 -16.59 -40.72
N TYR D 73 47.78 -17.36 -39.66
CA TYR D 73 47.79 -16.87 -38.29
C TYR D 73 48.99 -17.46 -37.57
N ALA D 74 49.96 -16.61 -37.21
CA ALA D 74 51.22 -17.07 -36.63
C ALA D 74 51.60 -16.21 -35.43
N CYS D 75 50.65 -15.97 -34.53
CA CYS D 75 50.95 -15.23 -33.31
C CYS D 75 51.75 -16.09 -32.34
N ARG D 76 52.62 -15.43 -31.58
CA ARG D 76 53.50 -16.11 -30.63
C ARG D 76 53.40 -15.44 -29.26
N VAL D 77 53.22 -16.25 -28.23
CA VAL D 77 53.14 -15.78 -26.85
C VAL D 77 54.16 -16.55 -26.03
N ASN D 78 54.98 -15.82 -25.27
CA ASN D 78 56.03 -16.44 -24.47
C ASN D 78 56.04 -15.88 -23.06
N HIS D 79 56.20 -16.77 -22.09
CA HIS D 79 56.50 -16.40 -20.70
C HIS D 79 55.44 -15.49 -20.09
N VAL D 80 54.17 -15.83 -20.30
CA VAL D 80 53.07 -15.10 -19.65
C VAL D 80 52.86 -15.69 -18.27
N THR D 81 52.96 -14.85 -17.24
CA THR D 81 52.79 -15.27 -15.86
C THR D 81 51.70 -14.44 -15.21
N LEU D 82 50.73 -15.13 -14.61
CA LEU D 82 49.64 -14.48 -13.86
C LEU D 82 49.74 -14.96 -12.42
N SER D 83 49.88 -14.02 -11.49
CA SER D 83 50.01 -14.33 -10.08
C SER D 83 49.03 -13.49 -9.28
N GLN D 84 48.27 -14.15 -8.40
CA GLN D 84 47.36 -13.47 -7.48
C GLN D 84 47.53 -14.07 -6.07
N PRO D 85 48.64 -13.78 -5.40
CA PRO D 85 48.81 -14.25 -4.03
C PRO D 85 47.81 -13.60 -3.09
N LYS D 86 47.19 -14.41 -2.24
CA LYS D 86 46.24 -13.92 -1.25
C LYS D 86 46.61 -14.47 0.11
N ILE D 87 46.77 -13.59 1.09
CA ILE D 87 47.18 -13.98 2.42
C ILE D 87 46.13 -13.57 3.44
N MET E 1 -13.47 -4.38 -3.16
CA MET E 1 -14.76 -3.80 -3.50
C MET E 1 -15.80 -4.11 -2.43
N ILE E 2 -16.28 -3.06 -1.77
CA ILE E 2 -17.28 -3.18 -0.71
C ILE E 2 -18.49 -2.36 -1.11
N GLN E 3 -19.66 -2.99 -1.12
CA GLN E 3 -20.91 -2.33 -1.45
C GLN E 3 -21.90 -2.54 -0.31
N VAL E 4 -22.46 -1.46 0.20
CA VAL E 4 -23.38 -1.48 1.33
C VAL E 4 -24.69 -0.83 0.91
N TYR E 5 -25.80 -1.51 1.16
CA TYR E 5 -27.14 -1.02 0.83
C TYR E 5 -27.98 -1.04 2.10
N SER E 6 -28.12 0.11 2.74
CA SER E 6 -28.85 0.25 3.99
C SER E 6 -30.10 1.10 3.78
N ARG E 7 -31.26 0.55 4.15
CA ARG E 7 -32.54 1.22 3.98
C ARG E 7 -33.31 1.21 5.29
N HIS E 8 -33.84 2.37 5.68
CA HIS E 8 -34.72 2.50 6.84
C HIS E 8 -35.94 3.32 6.43
N PRO E 9 -36.88 2.71 5.71
CA PRO E 9 -37.98 3.49 5.12
C PRO E 9 -38.83 4.28 6.10
N ALA E 10 -39.23 3.70 7.23
CA ALA E 10 -40.26 4.37 8.01
C ALA E 10 -40.11 4.09 9.50
N GLU E 11 -40.34 5.13 10.30
CA GLU E 11 -40.40 5.05 11.75
C GLU E 11 -41.55 5.93 12.23
N ASN E 12 -42.36 5.40 13.15
CA ASN E 12 -43.51 6.12 13.66
C ASN E 12 -43.54 6.00 15.19
N GLY E 13 -43.36 7.13 15.87
CA GLY E 13 -43.34 7.15 17.32
C GLY E 13 -42.28 6.24 17.90
N LYS E 14 -41.01 6.58 17.68
CA LYS E 14 -39.93 5.65 17.99
C LYS E 14 -39.86 5.33 19.48
N SER E 15 -39.64 6.35 20.32
CA SER E 15 -39.39 6.03 21.71
C SER E 15 -39.74 7.23 22.61
N ASN E 16 -39.93 6.92 23.89
CA ASN E 16 -40.00 7.89 24.98
C ASN E 16 -41.09 8.93 24.74
N PHE E 17 -42.34 8.45 24.73
CA PHE E 17 -43.47 9.36 24.61
C PHE E 17 -44.63 8.89 25.47
N LEU E 18 -45.48 9.84 25.85
CA LEU E 18 -46.67 9.59 26.66
C LEU E 18 -46.30 8.94 28.00
N ASN E 19 -45.25 9.46 28.61
CA ASN E 19 -44.71 8.90 29.85
C ASN E 19 -44.98 9.84 31.02
N CYS E 20 -45.49 9.29 32.12
CA CYS E 20 -45.76 10.10 33.30
C CYS E 20 -44.48 10.57 33.96
N TYR E 21 -43.46 9.71 34.03
CA TYR E 21 -42.23 10.03 34.74
C TYR E 21 -41.08 9.23 34.16
N VAL E 22 -40.03 9.93 33.75
CA VAL E 22 -38.80 9.30 33.25
C VAL E 22 -37.62 9.93 33.96
N SER E 23 -36.71 9.11 34.47
CA SER E 23 -35.52 9.59 35.16
C SER E 23 -34.42 8.56 35.01
N GLY E 24 -33.24 8.90 35.53
CA GLY E 24 -32.11 7.99 35.48
C GLY E 24 -31.26 8.19 34.24
N PHE E 25 -30.44 7.19 33.95
CA PHE E 25 -29.52 7.21 32.82
C PHE E 25 -30.18 6.52 31.63
N HIS E 26 -30.57 7.31 30.63
CA HIS E 26 -31.17 6.77 29.41
C HIS E 26 -30.71 7.56 28.19
N PRO E 27 -29.45 7.42 27.80
CA PRO E 27 -29.02 7.96 26.51
C PRO E 27 -29.50 7.07 25.38
N SER E 28 -29.81 7.70 24.24
CA SER E 28 -30.41 6.99 23.13
C SER E 28 -29.82 7.48 21.81
N ASP E 29 -29.85 6.59 20.81
CA ASP E 29 -29.47 6.90 19.43
C ASP E 29 -28.03 7.43 19.37
N ILE E 30 -27.12 6.74 20.04
CA ILE E 30 -25.72 7.13 20.09
C ILE E 30 -24.90 6.10 19.32
N GLU E 31 -24.14 6.57 18.33
CA GLU E 31 -23.32 5.70 17.49
C GLU E 31 -21.87 6.15 17.58
N VAL E 32 -21.01 5.24 17.99
CA VAL E 32 -19.56 5.48 18.07
C VAL E 32 -18.87 4.39 17.25
N ASP E 33 -18.13 4.80 16.24
CA ASP E 33 -17.51 3.83 15.34
C ASP E 33 -16.17 4.35 14.86
N LEU E 34 -15.27 3.41 14.55
CA LEU E 34 -13.94 3.72 14.03
C LEU E 34 -13.70 2.83 12.81
N LEU E 35 -13.39 3.46 11.68
CA LEU E 35 -13.11 2.76 10.42
C LEU E 35 -14.26 1.83 10.05
N LYS E 36 -15.46 2.41 9.94
CA LYS E 36 -16.66 1.63 9.67
C LYS E 36 -16.52 0.86 8.36
N ASN E 37 -16.04 1.53 7.31
CA ASN E 37 -15.75 0.90 6.02
C ASN E 37 -14.28 1.12 5.71
N GLY E 38 -13.51 0.04 5.76
CA GLY E 38 -12.06 0.13 5.56
C GLY E 38 -11.58 -0.88 4.55
N GLU E 39 -10.67 -0.45 3.68
CA GLU E 39 -10.12 -1.29 2.63
C GLU E 39 -8.62 -1.05 2.54
N ARG E 40 -7.85 -2.14 2.53
CA ARG E 40 -6.40 -2.11 2.33
C ARG E 40 -5.72 -1.21 3.36
N ILE E 41 -5.88 -1.61 4.62
CA ILE E 41 -5.32 -0.91 5.77
C ILE E 41 -4.23 -1.79 6.36
N GLU E 42 -3.01 -1.27 6.45
CA GLU E 42 -1.90 -2.10 6.92
C GLU E 42 -2.03 -2.42 8.41
N LYS E 43 -2.23 -1.39 9.25
CA LYS E 43 -2.31 -1.68 10.66
C LYS E 43 -3.10 -0.60 11.38
N VAL E 44 -3.60 -0.96 12.56
CA VAL E 44 -4.36 -0.08 13.44
C VAL E 44 -4.17 -0.57 14.85
N GLU E 45 -3.66 0.29 15.73
CA GLU E 45 -3.25 -0.13 17.06
C GLU E 45 -3.82 0.83 18.10
N HIS E 46 -3.88 0.34 19.33
CA HIS E 46 -4.23 1.13 20.51
C HIS E 46 -5.57 1.85 20.34
N SER E 47 -6.61 1.07 20.04
CA SER E 47 -7.96 1.59 19.90
C SER E 47 -8.73 1.37 21.19
N ASP E 48 -9.34 2.44 21.70
CA ASP E 48 -10.15 2.38 22.92
C ASP E 48 -11.52 2.94 22.62
N LEU E 49 -12.55 2.09 22.71
CA LEU E 49 -13.92 2.50 22.44
C LEU E 49 -14.84 2.16 23.61
N SER E 50 -14.32 2.22 24.84
CA SER E 50 -15.11 1.89 26.02
C SER E 50 -16.21 2.92 26.22
N PHE E 51 -17.45 2.45 26.29
CA PHE E 51 -18.58 3.36 26.46
C PHE E 51 -18.61 3.93 27.87
N SER E 52 -18.46 3.09 28.88
CA SER E 52 -18.43 3.53 30.27
C SER E 52 -17.67 2.49 31.09
N LYS E 53 -17.49 2.77 32.38
CA LYS E 53 -16.82 1.83 33.27
C LYS E 53 -17.75 1.30 34.36
N ASP E 54 -18.30 2.15 35.21
CA ASP E 54 -19.03 1.69 36.39
C ASP E 54 -20.39 2.37 36.47
N TRP E 55 -21.42 1.58 36.80
CA TRP E 55 -22.78 2.07 36.97
C TRP E 55 -23.18 1.82 38.42
N SER E 56 -23.36 2.90 39.18
CA SER E 56 -23.75 2.83 40.59
C SER E 56 -24.84 3.86 40.84
N PHE E 57 -26.06 3.39 41.09
CA PHE E 57 -27.16 4.33 41.31
C PHE E 57 -27.03 5.04 42.66
N TYR E 58 -26.66 4.29 43.71
CA TYR E 58 -26.43 4.85 45.04
C TYR E 58 -25.00 4.54 45.44
N LEU E 59 -24.17 5.57 45.56
CA LEU E 59 -22.79 5.43 46.02
C LEU E 59 -22.56 6.43 47.14
N LEU E 60 -22.54 5.95 48.38
CA LEU E 60 -22.45 6.80 49.56
C LEU E 60 -21.27 6.39 50.42
N TYR E 61 -20.56 7.38 50.96
CA TYR E 61 -19.44 7.16 51.86
C TYR E 61 -19.68 7.95 53.14
N TYR E 62 -19.80 7.23 54.26
CA TYR E 62 -20.01 7.85 55.58
C TYR E 62 -21.17 8.84 55.55
N THR E 63 -22.28 8.39 54.99
CA THR E 63 -23.42 9.25 54.70
C THR E 63 -24.60 8.87 55.57
N GLU E 64 -25.44 9.85 55.87
CA GLU E 64 -26.72 9.63 56.54
C GLU E 64 -27.82 9.99 55.55
N PHE E 65 -28.46 8.97 54.99
CA PHE E 65 -29.44 9.12 53.91
C PHE E 65 -30.83 8.97 54.51
N THR E 66 -31.52 10.10 54.69
CA THR E 66 -32.85 10.12 55.31
C THR E 66 -33.80 11.02 54.51
N PRO E 67 -34.21 10.58 53.31
CA PRO E 67 -35.21 11.35 52.56
C PRO E 67 -36.64 10.94 52.88
N THR E 68 -37.51 11.90 53.14
CA THR E 68 -38.93 11.66 53.35
C THR E 68 -39.70 12.25 52.17
N GLU E 69 -40.53 11.42 51.52
CA GLU E 69 -41.26 11.87 50.35
C GLU E 69 -42.61 11.16 50.27
N LYS E 70 -43.62 11.89 49.82
CA LYS E 70 -44.96 11.35 49.56
C LYS E 70 -45.36 11.79 48.16
N ASP E 71 -45.07 10.95 47.17
CA ASP E 71 -45.28 11.29 45.77
C ASP E 71 -46.45 10.48 45.21
N GLU E 72 -47.38 11.18 44.57
CA GLU E 72 -48.55 10.57 43.97
C GLU E 72 -48.51 10.77 42.46
N TYR E 73 -48.66 9.67 41.71
CA TYR E 73 -48.59 9.68 40.26
C TYR E 73 -49.97 9.37 39.71
N ALA E 74 -50.60 10.36 39.07
CA ALA E 74 -51.98 10.25 38.62
C ALA E 74 -52.13 10.78 37.18
N CYS E 75 -51.24 10.35 36.30
CA CYS E 75 -51.36 10.74 34.90
C CYS E 75 -52.49 9.99 34.21
N ARG E 76 -53.10 10.64 33.23
CA ARG E 76 -54.25 10.08 32.51
C ARG E 76 -54.04 10.19 31.02
N VAL E 77 -54.24 9.09 30.30
CA VAL E 77 -54.10 9.04 28.85
C VAL E 77 -55.40 8.48 28.28
N ASN E 78 -55.97 9.18 27.30
CA ASN E 78 -57.23 8.79 26.70
C ASN E 78 -57.16 8.85 25.19
N HIS E 79 -57.68 7.79 24.54
CA HIS E 79 -57.93 7.78 23.10
C HIS E 79 -56.68 8.05 22.28
N VAL E 80 -55.59 7.37 22.60
CA VAL E 80 -54.37 7.42 21.79
C VAL E 80 -54.48 6.39 20.68
N THR E 81 -54.37 6.85 19.44
CA THR E 81 -54.47 5.98 18.28
C THR E 81 -53.22 6.11 17.43
N LEU E 82 -52.60 4.97 17.12
CA LEU E 82 -51.44 4.90 16.24
C LEU E 82 -51.82 4.09 15.01
N SER E 83 -51.67 4.70 13.84
CA SER E 83 -52.03 4.05 12.58
C SER E 83 -50.86 4.18 11.61
N GLN E 84 -50.47 3.06 11.01
CA GLN E 84 -49.47 3.03 9.95
C GLN E 84 -49.95 2.14 8.82
N PRO E 85 -50.94 2.59 8.04
CA PRO E 85 -51.39 1.79 6.90
C PRO E 85 -50.30 1.71 5.84
N LYS E 86 -50.09 0.51 5.32
CA LYS E 86 -49.11 0.29 4.26
C LYS E 86 -49.77 -0.48 3.13
N ILE E 87 -49.70 0.06 1.93
CA ILE E 87 -50.33 -0.56 0.77
C ILE E 87 -49.29 -0.91 -0.29
N MET F 1 10.85 -7.86 5.01
CA MET F 1 12.28 -7.73 5.26
C MET F 1 13.08 -8.71 4.40
N ILE F 2 13.89 -8.16 3.49
CA ILE F 2 14.72 -8.96 2.60
C ILE F 2 16.18 -8.55 2.82
N GLN F 3 17.03 -9.52 3.11
CA GLN F 3 18.45 -9.30 3.31
C GLN F 3 19.24 -10.19 2.37
N VAL F 4 20.13 -9.60 1.59
CA VAL F 4 20.93 -10.30 0.60
C VAL F 4 22.40 -10.06 0.88
N TYR F 5 23.18 -11.13 0.92
CA TYR F 5 24.63 -11.07 1.17
C TYR F 5 25.34 -11.78 0.03
N SER F 6 25.85 -11.02 -0.93
CA SER F 6 26.51 -11.56 -2.11
C SER F 6 27.99 -11.19 -2.08
N ARG F 7 28.85 -12.20 -2.21
CA ARG F 7 30.29 -12.00 -2.17
C ARG F 7 30.94 -12.69 -3.36
N HIS F 8 31.83 -11.97 -4.05
CA HIS F 8 32.65 -12.52 -5.14
C HIS F 8 34.09 -12.10 -4.93
N PRO F 9 34.81 -12.75 -4.00
CA PRO F 9 36.14 -12.27 -3.62
C PRO F 9 37.16 -12.17 -4.75
N ALA F 10 37.28 -13.18 -5.62
CA ALA F 10 38.44 -13.21 -6.50
C ALA F 10 38.11 -13.86 -7.83
N GLU F 11 38.67 -13.28 -8.90
CA GLU F 11 38.61 -13.83 -10.25
C GLU F 11 39.97 -13.62 -10.89
N ASN F 12 40.50 -14.65 -11.53
CA ASN F 12 41.81 -14.59 -12.19
C ASN F 12 41.70 -15.19 -13.58
N GLY F 13 41.91 -14.36 -14.60
CA GLY F 13 41.81 -14.80 -15.98
C GLY F 13 40.46 -15.39 -16.30
N LYS F 14 39.41 -14.56 -16.30
CA LYS F 14 38.05 -15.07 -16.36
C LYS F 14 37.78 -15.79 -17.68
N SER F 15 37.92 -15.09 -18.80
CA SER F 15 37.51 -15.72 -20.06
C SER F 15 38.20 -15.07 -21.25
N ASN F 16 38.21 -15.82 -22.35
CA ASN F 16 38.58 -15.32 -23.68
C ASN F 16 39.99 -14.72 -23.70
N PHE F 17 40.97 -15.59 -23.43
CA PHE F 17 42.36 -15.16 -23.53
C PHE F 17 43.20 -16.28 -24.11
N LEU F 18 44.33 -15.89 -24.71
CA LEU F 18 45.29 -16.81 -25.31
C LEU F 18 44.62 -17.67 -26.39
N ASN F 19 43.81 -17.03 -27.23
CA ASN F 19 43.05 -17.71 -28.27
C ASN F 19 43.58 -17.33 -29.64
N CYS F 20 43.78 -18.34 -30.50
CA CYS F 20 44.28 -18.08 -31.84
C CYS F 20 43.22 -17.40 -32.71
N TYR F 21 41.96 -17.83 -32.59
CA TYR F 21 40.90 -17.31 -33.46
C TYR F 21 39.56 -17.43 -32.74
N VAL F 22 38.86 -16.31 -32.62
CA VAL F 22 37.52 -16.26 -32.03
C VAL F 22 36.61 -15.48 -32.96
N SER F 23 35.43 -16.03 -33.24
CA SER F 23 34.47 -15.39 -34.11
C SER F 23 33.07 -15.86 -33.72
N GLY F 24 32.06 -15.30 -34.39
CA GLY F 24 30.70 -15.68 -34.13
C GLY F 24 30.02 -14.81 -33.08
N PHE F 25 28.90 -15.31 -32.58
CA PHE F 25 28.10 -14.61 -31.58
C PHE F 25 28.53 -15.08 -30.20
N HIS F 26 29.24 -14.23 -29.47
CA HIS F 26 29.67 -14.53 -28.10
C HIS F 26 29.59 -13.30 -27.22
N PRO F 27 28.38 -12.85 -26.90
CA PRO F 27 28.23 -11.81 -25.87
C PRO F 27 28.40 -12.42 -24.48
N SER F 28 29.00 -11.65 -23.58
CA SER F 28 29.34 -12.16 -22.26
C SER F 28 29.07 -11.10 -21.19
N ASP F 29 28.83 -11.59 -19.98
CA ASP F 29 28.66 -10.73 -18.80
C ASP F 29 27.54 -9.72 -18.99
N ILE F 30 26.40 -10.20 -19.46
CA ILE F 30 25.23 -9.37 -19.73
C ILE F 30 24.15 -9.74 -18.73
N GLU F 31 23.66 -8.74 -17.99
CA GLU F 31 22.63 -8.94 -16.98
C GLU F 31 21.43 -8.05 -17.31
N VAL F 32 20.27 -8.67 -17.47
CA VAL F 32 19.02 -7.97 -17.71
C VAL F 32 18.02 -8.43 -16.65
N ASP F 33 17.51 -7.48 -15.87
CA ASP F 33 16.64 -7.84 -14.76
C ASP F 33 15.59 -6.76 -14.55
N LEU F 34 14.44 -7.17 -14.03
CA LEU F 34 13.33 -6.27 -13.71
C LEU F 34 12.84 -6.59 -12.31
N LEU F 35 12.82 -5.58 -11.45
CA LEU F 35 12.38 -5.72 -10.06
C LEU F 35 13.14 -6.84 -9.36
N LYS F 36 14.47 -6.72 -9.37
CA LYS F 36 15.32 -7.75 -8.80
C LYS F 36 15.00 -7.96 -7.32
N ASN F 37 14.86 -6.88 -6.57
CA ASN F 37 14.44 -6.93 -5.17
C ASN F 37 13.15 -6.12 -5.04
N GLY F 38 12.05 -6.79 -4.80
CA GLY F 38 10.75 -6.13 -4.73
C GLY F 38 9.98 -6.53 -3.49
N GLU F 39 9.36 -5.54 -2.86
CA GLU F 39 8.59 -5.75 -1.65
C GLU F 39 7.28 -4.98 -1.73
N ARG F 40 6.17 -5.64 -1.42
CA ARG F 40 4.85 -5.03 -1.35
C ARG F 40 4.49 -4.34 -2.66
N ILE F 41 4.41 -5.15 -3.70
CA ILE F 41 4.10 -4.71 -5.05
C ILE F 41 2.71 -5.23 -5.41
N GLU F 42 1.78 -4.32 -5.72
CA GLU F 42 0.42 -4.74 -6.02
C GLU F 42 0.37 -5.55 -7.31
N LYS F 43 0.85 -4.99 -8.41
CA LYS F 43 0.75 -5.74 -9.66
C LYS F 43 1.83 -5.31 -10.62
N VAL F 44 2.10 -6.18 -11.59
CA VAL F 44 3.08 -5.98 -12.65
C VAL F 44 2.63 -6.79 -13.86
N GLU F 45 2.43 -6.13 -14.99
CA GLU F 45 1.82 -6.78 -16.14
C GLU F 45 2.64 -6.47 -17.39
N HIS F 46 2.46 -7.34 -18.38
CA HIS F 46 3.00 -7.16 -19.73
C HIS F 46 4.52 -6.96 -19.71
N SER F 47 5.21 -7.91 -19.11
CA SER F 47 6.67 -7.88 -19.04
C SER F 47 7.25 -8.76 -20.14
N ASP F 48 8.17 -8.19 -20.92
CA ASP F 48 8.85 -8.91 -22.00
C ASP F 48 10.35 -8.80 -21.79
N LEU F 49 11.00 -9.92 -21.55
CA LEU F 49 12.44 -9.97 -21.34
C LEU F 49 13.12 -10.96 -22.28
N SER F 50 12.57 -11.10 -23.49
CA SER F 50 13.13 -12.04 -24.46
C SER F 50 14.52 -11.59 -24.90
N PHE F 51 15.51 -12.47 -24.73
CA PHE F 51 16.87 -12.12 -25.11
C PHE F 51 17.03 -12.07 -26.62
N SER F 52 16.52 -13.08 -27.32
CA SER F 52 16.60 -13.14 -28.77
C SER F 52 15.46 -14.01 -29.28
N LYS F 53 15.33 -14.09 -30.61
CA LYS F 53 14.32 -14.95 -31.22
C LYS F 53 14.93 -16.09 -32.03
N ASP F 54 15.71 -15.80 -33.06
CA ASP F 54 16.18 -16.82 -34.00
C ASP F 54 17.68 -16.74 -34.18
N TRP F 55 18.34 -17.89 -34.14
CA TRP F 55 19.78 -18.01 -34.35
C TRP F 55 20.01 -18.82 -35.63
N SER F 56 20.52 -18.17 -36.67
CA SER F 56 20.78 -18.82 -37.94
C SER F 56 22.15 -18.38 -38.45
N PHE F 57 23.11 -19.32 -38.46
CA PHE F 57 24.46 -18.96 -38.89
C PHE F 57 24.51 -18.72 -40.39
N TYR F 58 23.85 -19.56 -41.18
CA TYR F 58 23.77 -19.41 -42.63
C TYR F 58 22.31 -19.31 -43.01
N LEU F 59 21.90 -18.15 -43.51
CA LEU F 59 20.54 -17.92 -43.98
C LEU F 59 20.61 -17.32 -45.37
N LEU F 60 20.33 -18.14 -46.40
CA LEU F 60 20.50 -17.74 -47.78
C LEU F 60 19.21 -17.93 -48.54
N TYR F 61 18.89 -16.97 -49.42
CA TYR F 61 17.72 -17.03 -50.29
C TYR F 61 18.17 -16.82 -51.73
N TYR F 62 17.99 -17.85 -52.56
CA TYR F 62 18.33 -17.79 -53.98
C TYR F 62 19.78 -17.33 -54.18
N THR F 63 20.69 -17.95 -53.45
CA THR F 63 22.07 -17.51 -53.36
C THR F 63 22.99 -18.54 -54.00
N GLU F 64 24.11 -18.06 -54.55
CA GLU F 64 25.18 -18.91 -55.04
C GLU F 64 26.39 -18.69 -54.14
N PHE F 65 26.65 -19.64 -53.26
CA PHE F 65 27.65 -19.52 -52.20
C PHE F 65 28.88 -20.33 -52.60
N THR F 66 29.92 -19.63 -53.07
CA THR F 66 31.13 -20.28 -53.56
C THR F 66 32.37 -19.57 -53.02
N PRO F 67 32.67 -19.74 -51.71
CA PRO F 67 33.91 -19.19 -51.17
C PRO F 67 35.07 -20.16 -51.26
N THR F 68 36.22 -19.70 -51.76
CA THR F 68 37.44 -20.49 -51.80
C THR F 68 38.45 -19.89 -50.83
N GLU F 69 38.95 -20.70 -49.90
CA GLU F 69 39.85 -20.19 -48.88
C GLU F 69 40.85 -21.25 -48.49
N LYS F 70 42.09 -20.82 -48.20
CA LYS F 70 43.15 -21.70 -47.71
C LYS F 70 43.75 -21.02 -46.47
N ASP F 71 43.22 -21.36 -45.30
CA ASP F 71 43.61 -20.71 -44.05
C ASP F 71 44.44 -21.66 -43.21
N GLU F 72 45.58 -21.20 -42.74
CA GLU F 72 46.49 -21.98 -41.91
C GLU F 72 46.61 -21.31 -40.54
N TYR F 73 46.36 -22.08 -39.48
CA TYR F 73 46.38 -21.59 -38.11
C TYR F 73 47.60 -22.19 -37.41
N ALA F 74 48.57 -21.34 -37.07
CA ALA F 74 49.84 -21.81 -36.51
C ALA F 74 50.24 -20.95 -35.30
N CYS F 75 49.30 -20.72 -34.39
CA CYS F 75 49.62 -19.99 -33.18
C CYS F 75 50.43 -20.85 -32.23
N ARG F 76 51.32 -20.20 -31.47
CA ARG F 76 52.20 -20.88 -30.54
C ARG F 76 52.12 -20.21 -29.17
N VAL F 77 51.96 -21.03 -28.13
CA VAL F 77 51.89 -20.56 -26.74
C VAL F 77 52.93 -21.34 -25.95
N ASN F 78 53.76 -20.63 -25.19
CA ASN F 78 54.83 -21.24 -24.41
C ASN F 78 54.85 -20.68 -23.00
N HIS F 79 55.02 -21.59 -22.03
CA HIS F 79 55.34 -21.23 -20.66
C HIS F 79 54.30 -20.31 -20.02
N VAL F 80 53.02 -20.63 -20.21
CA VAL F 80 51.94 -19.92 -19.54
C VAL F 80 51.74 -20.51 -18.16
N THR F 81 51.86 -19.68 -17.13
CA THR F 81 51.71 -20.10 -15.75
C THR F 81 50.63 -19.27 -15.08
N LEU F 82 49.66 -19.95 -14.47
CA LEU F 82 48.61 -19.31 -13.70
C LEU F 82 48.72 -19.79 -12.26
N SER F 83 48.87 -18.85 -11.33
CA SER F 83 49.03 -19.16 -9.92
C SER F 83 48.06 -18.33 -9.11
N GLN F 84 47.30 -18.99 -8.22
CA GLN F 84 46.42 -18.31 -7.28
C GLN F 84 46.59 -18.91 -5.89
N PRO F 85 47.72 -18.63 -5.23
CA PRO F 85 47.90 -19.12 -3.86
C PRO F 85 46.92 -18.46 -2.91
N LYS F 86 46.32 -19.27 -2.05
CA LYS F 86 45.37 -18.79 -1.05
C LYS F 86 45.77 -19.35 0.31
N ILE F 87 45.95 -18.46 1.29
CA ILE F 87 46.37 -18.87 2.62
C ILE F 87 45.33 -18.45 3.66
#